data_3M9K
#
_entry.id   3M9K
#
_cell.length_a   125.620
_cell.length_b   125.620
_cell.length_c   33.550
_cell.angle_alpha   90.00
_cell.angle_beta   90.00
_cell.angle_gamma   120.00
#
_symmetry.space_group_name_H-M   'P 6'
#
loop_
_entity.id
_entity.type
_entity.pdbx_description
1 polymer Thioredoxin
2 non-polymer 'SULFATE ION'
3 non-polymer (4S,5S)-1,2-DITHIANE-4,5-DIOL
4 water water
#
_entity_poly.entity_id   1
_entity_poly.type   'polypeptide(L)'
_entity_poly.pdbx_seq_one_letter_code
;MVKQIESKTAFQEALDAAGDKLVVVDFSATWCGPCKMIKPFFHSLSEKYSNVIFLEVDVDDCQDVASESEVKSMPTFQFF
KKGQKVGEFSGANKEKLEATINELV
;
_entity_poly.pdbx_strand_id   A,B
#
# COMPACT_ATOMS: atom_id res chain seq x y z
N MET A 1 12.76 -9.10 -12.17
CA MET A 1 11.54 -8.42 -11.73
C MET A 1 11.74 -7.54 -10.47
N VAL A 2 11.06 -6.44 -10.45
CA VAL A 2 11.03 -5.56 -9.29
C VAL A 2 9.63 -5.57 -8.71
N LYS A 3 9.52 -5.63 -7.39
CA LYS A 3 8.25 -5.55 -6.73
C LYS A 3 8.04 -4.17 -6.13
N GLN A 4 6.93 -3.50 -6.46
N GLN A 4 6.92 -3.54 -6.46
CA GLN A 4 6.59 -2.22 -5.85
CA GLN A 4 6.55 -2.32 -5.82
C GLN A 4 5.92 -2.42 -4.49
C GLN A 4 6.05 -2.66 -4.43
N ILE A 5 6.59 -1.94 -3.43
CA ILE A 5 6.14 -2.10 -2.08
C ILE A 5 5.26 -0.89 -1.73
N GLU A 6 3.99 -1.16 -1.45
CA GLU A 6 2.97 -0.14 -1.36
C GLU A 6 2.19 -0.15 -0.01
N SER A 7 2.70 -0.88 0.98
CA SER A 7 2.22 -0.79 2.36
C SER A 7 3.38 -1.19 3.26
N LYS A 8 3.31 -0.70 4.49
CA LYS A 8 4.25 -1.12 5.51
C LYS A 8 4.25 -2.61 5.75
N THR A 9 3.07 -3.18 5.83
CA THR A 9 2.97 -4.63 6.00
C THR A 9 3.64 -5.35 4.84
N ALA A 10 3.42 -4.88 3.61
CA ALA A 10 4.05 -5.51 2.46
C ALA A 10 5.59 -5.49 2.56
N PHE A 11 6.11 -4.39 3.10
CA PHE A 11 7.57 -4.25 3.22
C PHE A 11 8.09 -5.34 4.16
N GLN A 12 7.48 -5.48 5.33
N GLN A 12 7.43 -5.46 5.32
CA GLN A 12 7.88 -6.53 6.29
CA GLN A 12 7.76 -6.45 6.35
C GLN A 12 7.71 -7.89 5.65
C GLN A 12 7.61 -7.86 5.81
N GLU A 13 6.58 -8.10 4.99
CA GLU A 13 6.33 -9.40 4.37
C GLU A 13 7.43 -9.79 3.36
N ALA A 14 7.87 -8.83 2.56
CA ALA A 14 8.91 -9.05 1.59
C ALA A 14 10.25 -9.38 2.28
N LEU A 15 10.55 -8.64 3.34
CA LEU A 15 11.80 -8.92 4.07
C LEU A 15 11.80 -10.30 4.70
N ASP A 16 10.63 -10.71 5.16
CA ASP A 16 10.49 -12.06 5.77
C ASP A 16 10.56 -13.12 4.72
N ALA A 17 9.96 -12.88 3.58
CA ALA A 17 9.86 -13.88 2.53
C ALA A 17 11.19 -14.13 1.80
N ALA A 18 12.12 -13.16 1.93
CA ALA A 18 13.39 -13.23 1.25
C ALA A 18 14.31 -14.31 1.81
N GLY A 19 13.99 -14.86 2.99
CA GLY A 19 14.88 -15.81 3.61
C GLY A 19 16.23 -15.16 3.83
N ASP A 20 17.28 -15.79 3.27
CA ASP A 20 18.65 -15.28 3.44
C ASP A 20 19.17 -14.48 2.26
N LYS A 21 18.31 -14.26 1.25
N LYS A 21 18.33 -14.23 1.26
CA LYS A 21 18.63 -13.51 0.05
CA LYS A 21 18.74 -13.60 0.04
C LYS A 21 18.89 -12.05 0.40
C LYS A 21 18.78 -12.10 0.23
N LEU A 22 19.81 -11.46 -0.32
CA LEU A 22 19.94 -10.00 -0.32
C LEU A 22 18.65 -9.38 -0.88
N VAL A 23 18.20 -8.35 -0.18
CA VAL A 23 17.13 -7.49 -0.63
C VAL A 23 17.67 -6.11 -0.86
N VAL A 24 17.33 -5.53 -2.02
CA VAL A 24 17.71 -4.14 -2.26
CA VAL A 24 17.74 -4.18 -2.37
C VAL A 24 16.46 -3.36 -2.48
N VAL A 25 16.41 -2.22 -1.79
CA VAL A 25 15.23 -1.36 -1.79
C VAL A 25 15.61 0.00 -2.35
N ASP A 26 14.94 0.39 -3.42
CA ASP A 26 15.08 1.71 -4.06
C ASP A 26 13.99 2.64 -3.51
N PHE A 27 14.37 3.59 -2.66
CA PHE A 27 13.47 4.68 -2.23
C PHE A 27 13.55 5.80 -3.24
N SER A 28 12.45 6.05 -3.95
CA SER A 28 12.44 7.01 -5.07
C SER A 28 11.22 7.90 -5.04
N ALA A 29 11.17 8.79 -6.03
CA ALA A 29 10.04 9.70 -6.23
C ALA A 29 9.87 9.94 -7.72
N THR A 30 8.61 10.19 -8.12
CA THR A 30 8.23 10.51 -9.52
C THR A 30 8.89 11.79 -10.07
N TRP A 31 9.18 12.74 -9.18
CA TRP A 31 9.73 14.06 -9.54
C TRP A 31 11.26 14.08 -9.59
N CYS A 32 11.89 12.97 -9.21
CA CYS A 32 13.32 12.92 -9.07
C CYS A 32 14.02 12.49 -10.39
N GLY A 33 14.75 13.42 -10.98
CA GLY A 33 15.49 13.17 -12.23
C GLY A 33 16.48 12.02 -12.17
N PRO A 34 17.44 12.06 -11.24
CA PRO A 34 18.35 10.97 -11.09
C PRO A 34 17.61 9.63 -10.90
N CYS A 35 16.51 9.63 -10.13
CA CYS A 35 15.72 8.39 -9.93
C CYS A 35 15.18 7.82 -11.25
N LYS A 36 14.66 8.70 -12.10
CA LYS A 36 14.13 8.30 -13.38
C LYS A 36 15.23 7.69 -14.27
N MET A 37 16.41 8.28 -14.20
CA MET A 37 17.57 7.76 -14.93
C MET A 37 17.87 6.33 -14.59
N ILE A 38 17.92 6.03 -13.30
CA ILE A 38 18.44 4.74 -12.87
C ILE A 38 17.35 3.68 -12.81
N LYS A 39 16.07 4.06 -12.82
CA LYS A 39 15.00 3.08 -12.74
C LYS A 39 15.14 1.93 -13.75
N PRO A 40 15.41 2.22 -15.05
CA PRO A 40 15.54 1.06 -15.95
C PRO A 40 16.73 0.19 -15.66
N PHE A 41 17.81 0.77 -15.14
CA PHE A 41 18.96 -0.01 -14.71
C PHE A 41 18.63 -0.88 -13.49
N PHE A 42 17.91 -0.34 -12.51
CA PHE A 42 17.46 -1.17 -11.36
C PHE A 42 16.64 -2.38 -11.88
N HIS A 43 15.78 -2.13 -12.85
CA HIS A 43 14.97 -3.19 -13.43
CA HIS A 43 14.98 -3.20 -13.48
C HIS A 43 15.83 -4.24 -14.19
N SER A 44 16.82 -3.78 -14.97
CA SER A 44 17.73 -4.70 -15.65
CA SER A 44 17.76 -4.69 -15.63
C SER A 44 18.53 -5.52 -14.63
N LEU A 45 19.01 -4.87 -13.56
CA LEU A 45 19.71 -5.61 -12.50
C LEU A 45 18.78 -6.71 -11.90
N SER A 46 17.49 -6.42 -11.74
N SER A 46 17.49 -6.40 -11.75
CA SER A 46 16.57 -7.42 -11.19
CA SER A 46 16.54 -7.37 -11.22
C SER A 46 16.44 -8.67 -12.06
C SER A 46 16.44 -8.66 -12.06
N GLU A 47 16.54 -8.48 -13.37
CA GLU A 47 16.50 -9.62 -14.26
CA GLU A 47 16.52 -9.57 -14.33
C GLU A 47 17.84 -10.37 -14.25
N LYS A 48 18.94 -9.68 -13.99
CA LYS A 48 20.28 -10.27 -13.95
C LYS A 48 20.54 -11.09 -12.69
N TYR A 49 20.23 -10.53 -11.52
CA TYR A 49 20.57 -11.15 -10.21
C TYR A 49 19.31 -11.85 -9.72
N SER A 50 19.07 -13.07 -10.20
CA SER A 50 17.81 -13.81 -9.93
CA SER A 50 17.76 -13.71 -9.93
C SER A 50 17.61 -14.19 -8.49
N ASN A 51 18.73 -14.23 -7.78
CA ASN A 51 18.68 -14.62 -6.37
CA ASN A 51 18.98 -14.58 -6.40
C ASN A 51 18.84 -13.42 -5.40
N VAL A 52 18.57 -12.22 -5.90
CA VAL A 52 18.52 -10.98 -5.10
C VAL A 52 17.12 -10.45 -5.32
N ILE A 53 16.52 -9.90 -4.26
CA ILE A 53 15.16 -9.39 -4.31
C ILE A 53 15.25 -7.88 -4.46
N PHE A 54 14.50 -7.36 -5.43
CA PHE A 54 14.54 -5.95 -5.75
C PHE A 54 13.15 -5.32 -5.48
N LEU A 55 13.12 -4.29 -4.64
CA LEU A 55 11.92 -3.65 -4.14
C LEU A 55 12.02 -2.16 -4.46
N GLU A 56 10.86 -1.54 -4.71
CA GLU A 56 10.77 -0.08 -4.89
CA GLU A 56 10.79 -0.11 -4.88
C GLU A 56 9.74 0.49 -3.93
N VAL A 57 10.09 1.57 -3.27
CA VAL A 57 9.21 2.32 -2.38
C VAL A 57 9.14 3.76 -2.86
N ASP A 58 7.94 4.27 -3.10
CA ASP A 58 7.73 5.67 -3.48
C ASP A 58 7.56 6.50 -2.22
N VAL A 59 8.44 7.46 -2.01
CA VAL A 59 8.48 8.15 -0.74
C VAL A 59 7.33 9.11 -0.49
N ASP A 60 6.65 9.53 -1.55
CA ASP A 60 5.49 10.40 -1.37
C ASP A 60 4.27 9.57 -1.00
N ASP A 61 4.14 8.42 -1.63
CA ASP A 61 3.05 7.51 -1.30
C ASP A 61 3.22 6.94 0.11
N CYS A 62 4.46 6.59 0.45
CA CYS A 62 4.81 5.91 1.65
C CYS A 62 5.80 6.73 2.50
N GLN A 63 5.37 7.91 2.87
CA GLN A 63 6.17 8.90 3.60
C GLN A 63 6.63 8.35 4.93
N ASP A 64 5.75 7.66 5.65
CA ASP A 64 6.09 7.14 6.97
C ASP A 64 7.04 5.95 6.91
N VAL A 65 6.92 5.12 5.88
CA VAL A 65 7.90 4.04 5.68
C VAL A 65 9.29 4.64 5.44
N ALA A 66 9.34 5.61 4.56
CA ALA A 66 10.60 6.28 4.21
C ALA A 66 11.18 6.94 5.49
N SER A 67 10.32 7.64 6.23
CA SER A 67 10.75 8.36 7.44
C SER A 67 11.36 7.36 8.46
N GLU A 68 10.61 6.29 8.71
N GLU A 68 10.65 6.26 8.69
CA GLU A 68 11.01 5.22 9.63
CA GLU A 68 11.05 5.27 9.66
C GLU A 68 12.36 4.64 9.22
C GLU A 68 12.29 4.48 9.23
N SER A 69 12.54 4.49 7.91
CA SER A 69 13.79 3.96 7.36
C SER A 69 14.95 4.98 7.37
N GLU A 70 14.70 6.18 7.90
CA GLU A 70 15.66 7.29 8.02
CA GLU A 70 15.73 7.20 8.03
C GLU A 70 16.25 7.73 6.68
N VAL A 71 15.41 7.65 5.66
CA VAL A 71 15.73 8.20 4.35
C VAL A 71 15.88 9.71 4.43
N LYS A 72 16.94 10.25 3.82
CA LYS A 72 17.21 11.70 3.79
C LYS A 72 17.65 12.23 2.42
N SER A 73 17.77 11.36 1.44
CA SER A 73 18.29 11.77 0.20
C SER A 73 17.57 11.00 -0.93
N MET A 74 17.34 11.62 -2.08
CA MET A 74 16.64 10.96 -3.20
C MET A 74 17.58 10.71 -4.39
N PRO A 75 17.72 9.44 -4.86
CA PRO A 75 17.17 8.22 -4.26
C PRO A 75 18.08 7.74 -3.15
N THR A 76 17.55 6.81 -2.36
CA THR A 76 18.35 6.02 -1.39
C THR A 76 18.15 4.55 -1.71
N PHE A 77 19.26 3.80 -1.72
CA PHE A 77 19.26 2.37 -1.77
C PHE A 77 19.68 1.78 -0.44
N GLN A 78 18.83 0.94 0.12
CA GLN A 78 19.09 0.16 1.32
C GLN A 78 19.12 -1.30 1.01
N PHE A 79 20.00 -2.01 1.72
CA PHE A 79 20.31 -3.42 1.49
C PHE A 79 20.07 -4.18 2.75
N PHE A 80 19.36 -5.29 2.64
CA PHE A 80 18.96 -6.07 3.83
C PHE A 80 19.31 -7.56 3.67
N LYS A 81 19.66 -8.20 4.79
CA LYS A 81 19.71 -9.65 4.88
C LYS A 81 19.01 -10.06 6.17
N LYS A 82 18.12 -11.02 6.06
CA LYS A 82 17.37 -11.46 7.25
CA LYS A 82 17.26 -11.49 7.16
C LYS A 82 16.67 -10.31 7.97
N GLY A 83 16.17 -9.32 7.24
CA GLY A 83 15.56 -8.15 7.84
C GLY A 83 16.44 -7.06 8.41
N GLN A 84 17.76 -7.30 8.38
CA GLN A 84 18.73 -6.41 8.94
C GLN A 84 19.38 -5.59 7.84
N LYS A 85 19.43 -4.29 8.06
CA LYS A 85 20.08 -3.40 7.11
C LYS A 85 21.59 -3.62 7.15
N VAL A 86 22.12 -4.15 6.06
CA VAL A 86 23.55 -4.40 5.88
C VAL A 86 24.30 -3.38 5.02
N GLY A 87 23.59 -2.41 4.41
CA GLY A 87 24.23 -1.40 3.61
C GLY A 87 23.24 -0.35 3.18
N GLU A 88 23.74 0.77 2.69
CA GLU A 88 22.95 1.90 2.27
C GLU A 88 23.86 2.93 1.60
N PHE A 89 23.30 3.56 0.57
CA PHE A 89 23.90 4.74 -0.02
C PHE A 89 22.87 5.55 -0.69
N SER A 90 23.19 6.81 -0.96
N SER A 90 23.24 6.77 -1.04
CA SER A 90 22.31 7.69 -1.69
CA SER A 90 22.37 7.70 -1.69
C SER A 90 22.89 8.14 -3.00
C SER A 90 22.91 8.14 -3.03
N GLY A 91 21.99 8.55 -3.88
CA GLY A 91 22.33 9.07 -5.20
C GLY A 91 22.17 7.98 -6.25
N ALA A 92 21.95 8.44 -7.47
CA ALA A 92 21.72 7.56 -8.63
C ALA A 92 23.03 7.18 -9.36
N ASN A 93 23.86 6.37 -8.73
CA ASN A 93 25.20 5.94 -9.21
C ASN A 93 25.09 4.48 -9.61
N LYS A 94 25.03 4.25 -10.92
CA LYS A 94 24.90 2.89 -11.47
CA LYS A 94 24.91 2.89 -11.45
C LYS A 94 26.00 1.94 -10.98
N GLU A 95 27.26 2.40 -11.08
CA GLU A 95 28.33 1.51 -10.73
C GLU A 95 28.29 1.21 -9.28
N LYS A 96 27.98 2.22 -8.48
CA LYS A 96 27.92 1.99 -7.04
C LYS A 96 26.79 1.03 -6.64
N LEU A 97 25.66 1.14 -7.33
CA LEU A 97 24.54 0.23 -7.12
C LEU A 97 24.93 -1.24 -7.36
N GLU A 98 25.51 -1.48 -8.54
CA GLU A 98 25.90 -2.84 -8.88
C GLU A 98 27.10 -3.33 -8.07
N ALA A 99 28.04 -2.46 -7.78
CA ALA A 99 29.18 -2.80 -6.91
C ALA A 99 28.70 -3.19 -5.55
N THR A 100 27.74 -2.45 -4.97
CA THR A 100 27.25 -2.78 -3.65
C THR A 100 26.50 -4.10 -3.62
N ILE A 101 25.69 -4.40 -4.66
CA ILE A 101 25.10 -5.70 -4.78
C ILE A 101 26.23 -6.77 -4.71
N ASN A 102 27.29 -6.55 -5.47
CA ASN A 102 28.38 -7.58 -5.57
C ASN A 102 29.28 -7.61 -4.35
N GLU A 103 29.14 -6.61 -3.49
CA GLU A 103 29.83 -6.59 -2.19
C GLU A 103 29.03 -7.37 -1.13
N LEU A 104 27.70 -7.37 -1.25
CA LEU A 104 26.81 -7.82 -0.16
C LEU A 104 25.99 -9.08 -0.38
N VAL A 105 25.99 -9.66 -1.56
CA VAL A 105 25.10 -10.81 -1.77
C VAL A 105 25.56 -12.02 -0.93
N MET B 1 -17.26 1.46 15.69
CA MET B 1 -15.84 1.74 15.37
C MET B 1 -15.48 1.32 13.94
N VAL B 2 -14.47 1.98 13.41
CA VAL B 2 -14.02 1.76 12.06
C VAL B 2 -12.57 1.32 12.13
N LYS B 3 -12.16 0.28 11.40
N LYS B 3 -12.20 0.31 11.37
CA LYS B 3 -10.73 -0.10 11.36
CA LYS B 3 -10.81 -0.14 11.27
C LYS B 3 -10.09 0.32 10.04
C LYS B 3 -10.18 0.51 10.03
N GLN B 4 -8.96 1.03 10.15
CA GLN B 4 -8.18 1.47 9.02
C GLN B 4 -7.40 0.30 8.42
N ILE B 5 -7.49 0.09 7.13
CA ILE B 5 -6.85 -1.03 6.45
C ILE B 5 -5.86 -0.48 5.42
N GLU B 6 -4.62 -0.92 5.49
CA GLU B 6 -3.61 -0.51 4.50
C GLU B 6 -3.14 -1.63 3.58
N SER B 7 -3.20 -2.88 4.01
CA SER B 7 -2.61 -3.99 3.25
C SER B 7 -3.66 -4.97 2.77
N LYS B 8 -3.38 -5.60 1.63
CA LYS B 8 -4.21 -6.68 1.09
C LYS B 8 -4.33 -7.80 2.10
N THR B 9 -3.26 -8.09 2.83
CA THR B 9 -3.31 -9.16 3.84
C THR B 9 -4.35 -8.84 4.90
N ALA B 10 -4.32 -7.65 5.44
CA ALA B 10 -5.24 -7.23 6.49
C ALA B 10 -6.68 -7.14 5.95
N PHE B 11 -6.83 -6.70 4.73
CA PHE B 11 -8.15 -6.66 4.07
C PHE B 11 -8.74 -8.05 3.97
N GLN B 12 -7.97 -9.01 3.48
CA GLN B 12 -8.45 -10.40 3.38
C GLN B 12 -8.74 -10.98 4.75
N GLU B 13 -7.89 -10.74 5.72
CA GLU B 13 -8.13 -11.19 7.09
CA GLU B 13 -8.17 -11.25 7.09
C GLU B 13 -9.46 -10.65 7.62
N ALA B 14 -9.73 -9.37 7.34
CA ALA B 14 -10.96 -8.72 7.81
C ALA B 14 -12.16 -9.39 7.17
N LEU B 15 -12.07 -9.66 5.87
CA LEU B 15 -13.19 -10.31 5.16
C LEU B 15 -13.42 -11.72 5.69
N ASP B 16 -12.35 -12.45 5.95
CA ASP B 16 -12.46 -13.81 6.51
C ASP B 16 -13.04 -13.79 7.93
N ALA B 17 -12.63 -12.84 8.75
CA ALA B 17 -12.99 -12.80 10.17
C ALA B 17 -14.42 -12.31 10.38
N ALA B 18 -14.94 -11.62 9.37
CA ALA B 18 -16.30 -11.14 9.41
C ALA B 18 -17.38 -12.22 9.50
N GLY B 19 -17.07 -13.46 9.13
CA GLY B 19 -18.06 -14.52 9.15
C GLY B 19 -19.14 -14.17 8.13
N ASP B 20 -20.39 -14.13 8.59
CA ASP B 20 -21.50 -13.77 7.72
C ASP B 20 -21.90 -12.31 7.74
N LYS B 21 -21.19 -11.45 8.50
CA LYS B 21 -21.56 -10.07 8.71
C LYS B 21 -21.30 -9.27 7.43
N LEU B 22 -22.14 -8.28 7.17
CA LEU B 22 -21.82 -7.33 6.12
C LEU B 22 -20.53 -6.62 6.48
N VAL B 23 -19.68 -6.39 5.45
CA VAL B 23 -18.47 -5.57 5.56
C VAL B 23 -18.68 -4.41 4.58
N VAL B 24 -18.51 -3.21 5.11
N VAL B 24 -18.52 -3.19 5.08
CA VAL B 24 -18.65 -1.98 4.39
CA VAL B 24 -18.57 -2.01 4.26
C VAL B 24 -17.23 -1.35 4.36
C VAL B 24 -17.29 -1.23 4.36
N VAL B 25 -16.78 -0.90 3.18
CA VAL B 25 -15.48 -0.29 3.04
C VAL B 25 -15.62 1.05 2.43
N ASP B 26 -15.07 2.08 3.07
CA ASP B 26 -15.03 3.44 2.57
C ASP B 26 -13.65 3.69 1.97
N PHE B 27 -13.58 3.79 0.66
CA PHE B 27 -12.35 4.16 -0.06
C PHE B 27 -12.42 5.68 -0.20
N SER B 28 -11.45 6.35 0.44
N SER B 28 -11.50 6.39 0.47
CA SER B 28 -11.45 7.76 0.65
CA SER B 28 -11.47 7.82 0.35
C SER B 28 -10.07 8.33 0.25
C SER B 28 -10.09 8.30 -0.04
N ALA B 29 -9.96 9.61 -0.14
CA ALA B 29 -8.66 10.26 -0.42
C ALA B 29 -8.60 11.59 0.33
N THR B 30 -7.40 11.99 0.75
CA THR B 30 -7.30 13.27 1.49
C THR B 30 -7.53 14.52 0.64
N TRP B 31 -7.44 14.39 -0.68
CA TRP B 31 -7.78 15.49 -1.61
C TRP B 31 -9.25 15.65 -1.88
N CYS B 32 -10.05 14.73 -1.34
CA CYS B 32 -11.41 14.71 -1.64
C CYS B 32 -12.25 15.37 -0.55
N GLY B 33 -12.94 16.46 -0.93
CA GLY B 33 -13.66 17.30 0.05
C GLY B 33 -14.83 16.52 0.62
N PRO B 34 -15.69 16.04 -0.26
CA PRO B 34 -16.86 15.29 0.18
C PRO B 34 -16.50 14.06 1.01
N CYS B 35 -15.37 13.42 0.70
CA CYS B 35 -14.87 12.27 1.47
C CYS B 35 -14.68 12.63 2.91
N LYS B 36 -13.98 13.73 3.19
N LYS B 36 -14.03 13.76 3.12
CA LYS B 36 -13.78 14.05 4.61
CA LYS B 36 -13.79 14.22 4.46
C LYS B 36 -15.10 14.51 5.27
C LYS B 36 -15.08 14.48 5.20
N MET B 37 -16.01 15.13 4.51
CA MET B 37 -17.30 15.48 5.05
C MET B 37 -18.08 14.29 5.60
N ILE B 38 -18.09 13.16 4.88
CA ILE B 38 -18.89 12.01 5.27
C ILE B 38 -18.25 11.09 6.30
N LYS B 39 -16.96 11.25 6.55
CA LYS B 39 -16.25 10.37 7.47
C LYS B 39 -16.94 10.31 8.83
N PRO B 40 -17.35 11.45 9.40
CA PRO B 40 -18.03 11.30 10.72
C PRO B 40 -19.32 10.51 10.70
N PHE B 41 -20.10 10.63 9.62
CA PHE B 41 -21.35 9.89 9.44
C PHE B 41 -21.01 8.37 9.31
N PHE B 42 -19.94 8.05 8.59
CA PHE B 42 -19.45 6.68 8.49
C PHE B 42 -19.14 6.12 9.85
N HIS B 43 -18.44 6.89 10.66
N HIS B 43 -18.52 6.94 10.70
CA HIS B 43 -18.02 6.47 11.98
CA HIS B 43 -18.30 6.58 12.10
C HIS B 43 -19.23 6.23 12.92
C HIS B 43 -19.62 6.45 12.90
N SER B 44 -20.24 7.07 12.79
N SER B 44 -20.55 7.37 12.77
CA SER B 44 -21.47 6.96 13.55
CA SER B 44 -21.82 7.23 13.47
C SER B 44 -22.33 5.77 13.13
C SER B 44 -22.58 5.95 13.09
N LEU B 45 -22.51 5.56 11.81
CA LEU B 45 -23.09 4.30 11.35
C LEU B 45 -22.40 3.13 11.97
N SER B 46 -21.06 3.16 12.09
CA SER B 46 -20.32 2.04 12.69
C SER B 46 -20.69 1.78 14.16
N GLU B 47 -21.00 2.85 14.85
CA GLU B 47 -21.55 2.75 16.24
C GLU B 47 -22.96 2.18 16.32
N LYS B 48 -23.78 2.60 15.37
CA LYS B 48 -25.18 2.16 15.32
C LYS B 48 -25.31 0.68 14.90
N TYR B 49 -24.71 0.34 13.74
CA TYR B 49 -24.76 -1.01 13.21
C TYR B 49 -23.63 -1.90 13.75
N SER B 50 -23.75 -2.36 15.00
CA SER B 50 -22.68 -3.13 15.65
C SER B 50 -22.35 -4.43 15.01
N ASN B 51 -23.31 -5.06 14.31
CA ASN B 51 -23.08 -6.35 13.77
C ASN B 51 -22.57 -6.21 12.30
N VAL B 52 -22.25 -4.99 11.88
CA VAL B 52 -21.72 -4.71 10.50
C VAL B 52 -20.27 -4.26 10.69
N ILE B 53 -19.35 -4.77 9.87
CA ILE B 53 -17.94 -4.39 9.96
C ILE B 53 -17.67 -3.17 9.06
N PHE B 54 -17.10 -2.11 9.63
CA PHE B 54 -16.73 -0.90 8.89
C PHE B 54 -15.21 -0.79 8.78
N LEU B 55 -14.75 -0.64 7.53
CA LEU B 55 -13.33 -0.47 7.18
C LEU B 55 -13.16 0.81 6.39
N GLU B 56 -11.98 1.42 6.54
CA GLU B 56 -11.59 2.62 5.78
CA GLU B 56 -11.65 2.59 5.75
C GLU B 56 -10.28 2.34 5.09
N VAL B 57 -10.18 2.71 3.83
CA VAL B 57 -8.95 2.64 3.02
C VAL B 57 -8.73 4.03 2.48
N ASP B 58 -7.63 4.68 2.84
CA ASP B 58 -7.31 5.99 2.33
C ASP B 58 -6.35 5.77 1.15
N VAL B 59 -6.88 5.92 -0.08
CA VAL B 59 -6.22 5.35 -1.24
C VAL B 59 -4.91 6.07 -1.54
N ASP B 60 -4.81 7.31 -1.11
CA ASP B 60 -3.55 8.05 -1.33
C ASP B 60 -2.50 7.89 -0.28
N ASP B 61 -2.83 7.17 0.79
CA ASP B 61 -1.87 6.83 1.79
C ASP B 61 -1.11 5.61 1.22
N CYS B 62 -0.22 5.10 2.03
CA CYS B 62 0.59 3.94 1.75
C CYS B 62 -0.19 2.66 1.94
N GLN B 63 -1.00 2.37 0.94
CA GLN B 63 -1.87 1.20 0.95
C GLN B 63 -1.77 0.48 -0.37
N ASP B 64 -2.00 -0.85 -0.32
CA ASP B 64 -1.94 -1.70 -1.50
C ASP B 64 -3.21 -2.53 -1.71
N VAL B 65 -4.30 -2.10 -1.08
CA VAL B 65 -5.60 -2.72 -1.29
C VAL B 65 -6.21 -2.33 -2.62
N ALA B 66 -6.08 -1.07 -2.96
CA ALA B 66 -6.72 -0.51 -4.15
C ALA B 66 -5.70 0.13 -5.05
N SER B 67 -5.79 -0.10 -6.36
N SER B 67 -5.81 -0.09 -6.36
CA SER B 67 -4.95 0.66 -7.29
CA SER B 67 -5.01 0.64 -7.35
C SER B 67 -5.59 2.03 -7.56
C SER B 67 -5.61 2.02 -7.58
N GLU B 68 -4.81 3.07 -7.37
CA GLU B 68 -5.25 4.45 -7.65
C GLU B 68 -5.56 4.63 -9.13
N SER B 69 -4.93 3.83 -9.98
CA SER B 69 -5.28 3.79 -11.39
C SER B 69 -6.78 3.54 -11.65
N GLU B 70 -7.50 2.98 -10.69
CA GLU B 70 -8.91 2.71 -10.84
C GLU B 70 -9.79 3.80 -10.25
N VAL B 71 -9.18 4.82 -9.65
CA VAL B 71 -9.94 5.87 -8.92
C VAL B 71 -10.48 6.90 -9.88
N LYS B 72 -11.81 7.01 -9.91
CA LYS B 72 -12.47 8.05 -10.65
C LYS B 72 -13.24 8.86 -9.66
N SER B 73 -14.42 8.40 -9.21
N SER B 73 -14.41 8.34 -9.27
CA SER B 73 -15.27 9.20 -8.32
CA SER B 73 -15.27 8.97 -8.30
C SER B 73 -15.19 8.78 -6.85
C SER B 73 -14.99 8.42 -6.89
N MET B 74 -15.15 9.74 -5.93
N MET B 74 -14.97 9.36 -5.94
CA MET B 74 -14.89 9.40 -4.53
CA MET B 74 -14.73 9.12 -4.51
C MET B 74 -15.89 10.14 -3.64
C MET B 74 -15.78 9.97 -3.72
N PRO B 75 -16.11 9.59 -2.45
CA PRO B 75 -15.67 8.30 -1.91
C PRO B 75 -16.32 7.13 -2.65
N THR B 76 -15.69 5.97 -2.64
CA THR B 76 -16.35 4.76 -3.13
C THR B 76 -16.59 3.83 -1.96
N PHE B 77 -17.82 3.35 -1.87
CA PHE B 77 -18.20 2.39 -0.84
C PHE B 77 -18.37 1.01 -1.48
N GLN B 78 -17.70 0.02 -0.94
CA GLN B 78 -17.90 -1.37 -1.37
C GLN B 78 -18.46 -2.19 -0.23
N PHE B 79 -19.23 -3.25 -0.57
CA PHE B 79 -19.99 -4.03 0.38
C PHE B 79 -19.65 -5.48 0.10
N PHE B 80 -19.37 -6.23 1.16
CA PHE B 80 -18.95 -7.63 1.06
C PHE B 80 -19.73 -8.50 2.02
N LYS B 81 -20.07 -9.68 1.55
CA LYS B 81 -20.59 -10.75 2.43
C LYS B 81 -19.86 -12.02 2.07
N LYS B 82 -19.31 -12.68 3.09
CA LYS B 82 -18.59 -13.94 2.89
C LYS B 82 -17.48 -13.83 1.82
N GLY B 83 -16.80 -12.70 1.87
CA GLY B 83 -15.78 -12.36 0.91
C GLY B 83 -16.15 -11.96 -0.51
N GLN B 84 -17.47 -11.94 -0.78
CA GLN B 84 -18.00 -11.64 -2.10
C GLN B 84 -18.50 -10.23 -2.16
N LYS B 85 -18.18 -9.50 -3.24
N LYS B 85 -18.12 -9.47 -3.19
CA LYS B 85 -18.66 -8.13 -3.39
CA LYS B 85 -18.61 -8.11 -3.28
C LYS B 85 -20.13 -8.12 -3.79
C LYS B 85 -20.07 -8.22 -3.68
N VAL B 86 -20.95 -7.59 -2.89
CA VAL B 86 -22.37 -7.57 -3.08
C VAL B 86 -22.92 -6.20 -3.43
N GLY B 87 -22.08 -5.14 -3.36
CA GLY B 87 -22.51 -3.83 -3.84
C GLY B 87 -21.35 -2.88 -3.89
N GLU B 88 -21.56 -1.78 -4.58
CA GLU B 88 -20.58 -0.69 -4.71
C GLU B 88 -21.28 0.52 -5.29
N PHE B 89 -21.00 1.69 -4.73
CA PHE B 89 -21.41 2.93 -5.37
C PHE B 89 -20.43 4.02 -4.97
N SER B 90 -20.43 5.12 -5.70
CA SER B 90 -19.59 6.26 -5.36
CA SER B 90 -19.58 6.26 -5.37
C SER B 90 -20.41 7.49 -5.08
N GLY B 91 -19.86 8.41 -4.31
CA GLY B 91 -20.53 9.66 -3.96
C GLY B 91 -20.79 9.74 -2.46
N ALA B 92 -20.69 10.95 -1.91
CA ALA B 92 -20.90 11.17 -0.48
C ALA B 92 -22.37 11.40 -0.20
N ASN B 93 -23.15 10.35 -0.43
CA ASN B 93 -24.60 10.40 -0.30
C ASN B 93 -24.99 9.62 0.98
N LYS B 94 -25.27 10.35 2.04
CA LYS B 94 -25.53 9.78 3.37
C LYS B 94 -26.77 8.89 3.37
N GLU B 95 -27.86 9.37 2.76
N GLU B 95 -27.86 9.37 2.76
CA GLU B 95 -29.09 8.60 2.72
CA GLU B 95 -29.09 8.58 2.68
C GLU B 95 -28.90 7.30 1.91
C GLU B 95 -28.85 7.27 1.95
N LYS B 96 -28.16 7.38 0.82
CA LYS B 96 -27.86 6.23 0.00
C LYS B 96 -26.96 5.24 0.73
N LEU B 97 -25.97 5.76 1.44
CA LEU B 97 -25.10 4.89 2.20
C LEU B 97 -25.87 4.07 3.24
N GLU B 98 -26.67 4.73 4.07
CA GLU B 98 -27.44 3.98 5.07
C GLU B 98 -28.48 3.01 4.46
N ALA B 99 -29.12 3.44 3.37
CA ALA B 99 -30.12 2.60 2.67
C ALA B 99 -29.45 1.38 2.10
N THR B 100 -28.21 1.53 1.59
CA THR B 100 -27.47 0.40 1.02
C THR B 100 -27.01 -0.61 2.07
N ILE B 101 -26.60 -0.11 3.22
CA ILE B 101 -26.31 -0.96 4.36
C ILE B 101 -27.56 -1.79 4.70
N ASN B 102 -28.71 -1.13 4.79
CA ASN B 102 -29.93 -1.87 5.09
C ASN B 102 -30.35 -2.88 4.03
N GLU B 103 -30.09 -2.61 2.76
N GLU B 103 -30.08 -2.54 2.77
CA GLU B 103 -30.48 -3.54 1.71
CA GLU B 103 -30.42 -3.37 1.60
C GLU B 103 -29.56 -4.76 1.75
C GLU B 103 -29.55 -4.62 1.53
N LEU B 104 -28.28 -4.50 1.97
CA LEU B 104 -27.31 -5.53 1.76
C LEU B 104 -26.92 -6.34 2.98
N VAL B 105 -27.30 -5.89 4.18
CA VAL B 105 -27.04 -6.70 5.39
C VAL B 105 -27.68 -8.10 5.21
#